data_7YXH
#
_entry.id   7YXH
#
_cell.length_a   54.630
_cell.length_b   65.334
_cell.length_c   103.671
_cell.angle_alpha   90.000
_cell.angle_beta   101.730
_cell.angle_gamma   90.000
#
_symmetry.space_group_name_H-M   'P 1 21 1'
#
loop_
_entity.id
_entity.type
_entity.pdbx_description
1 polymer GH14974p
2 non-polymer 'MANGANESE (II) ION'
3 non-polymer 'SUCCINIC ACID'
4 non-polymer 1,2-ETHANEDIOL
5 non-polymer 'MAGNESIUM ION'
6 water water
#
_entity_poly.entity_id   1
_entity_poly.type   'polypeptide(L)'
_entity_poly.pdbx_seq_one_letter_code
;GSHMASMSEVERALDVLLQEAEELCIGSSVVELDRIPTALEFCREFYSKNQPVVIRKALNWPAIGKWTPKYLIEALGDRS
VDVAITPNGYADGLATQNGQEYFVLPLETKMKLSEVVRRLDDPTGAVHYIQKQNSNLSVDLPELAADLRVSDLDFAQQSF
NKPPDAVNFWLGDERAVTSMHKDPYENVYCVISGHKDFVLIPPHQLSCVPRGIYPTGVYKTSDSGQFYIEPLRDEEGSDQ
FTEWVSVDPLSPDLAKYPEYARAKPLKVRVHAGDILYLPNYWFHHVSQSHKCIAVNFWYDLDYDSRYCYYRMLEQMTSAR
SG
;
_entity_poly.pdbx_strand_id   A,B
#
# COMPACT_ATOMS: atom_id res chain seq x y z
N MET A 7 -11.09 -24.48 11.98
CA MET A 7 -10.72 -23.16 11.38
C MET A 7 -11.45 -22.95 10.06
N SER A 8 -12.24 -21.87 10.00
CA SER A 8 -12.90 -21.49 8.77
C SER A 8 -11.85 -21.08 7.73
N GLU A 9 -12.29 -20.98 6.47
CA GLU A 9 -11.39 -20.49 5.43
C GLU A 9 -11.05 -19.01 5.66
N VAL A 10 -12.01 -18.22 6.12
CA VAL A 10 -11.73 -16.81 6.42
C VAL A 10 -10.74 -16.70 7.57
N GLU A 11 -10.92 -17.51 8.62
CA GLU A 11 -9.98 -17.49 9.73
C GLU A 11 -8.61 -17.98 9.30
N ARG A 12 -8.56 -19.01 8.45
CA ARG A 12 -7.28 -19.44 7.91
C ARG A 12 -6.60 -18.31 7.15
N ALA A 13 -7.36 -17.56 6.33
CA ALA A 13 -6.77 -16.46 5.59
C ALA A 13 -6.24 -15.38 6.54
N LEU A 14 -7.01 -15.04 7.56
CA LEU A 14 -6.54 -14.04 8.52
C LEU A 14 -5.27 -14.51 9.22
N ASP A 15 -5.18 -15.81 9.50
CA ASP A 15 -3.96 -16.36 10.09
C ASP A 15 -2.77 -16.18 9.15
N VAL A 16 -2.98 -16.45 7.86
CA VAL A 16 -1.89 -16.23 6.89
C VAL A 16 -1.45 -14.77 6.91
N LEU A 17 -2.42 -13.86 6.87
CA LEU A 17 -2.10 -12.44 6.90
C LEU A 17 -1.22 -12.10 8.10
N LEU A 18 -1.66 -12.47 9.30
CA LEU A 18 -0.93 -12.09 10.50
C LEU A 18 0.45 -12.74 10.54
N GLN A 19 0.55 -14.02 10.17
CA GLN A 19 1.84 -14.68 10.21
C GLN A 19 2.83 -14.04 9.24
N GLU A 20 2.38 -13.75 8.02
CA GLU A 20 3.28 -13.15 7.04
C GLU A 20 3.72 -11.76 7.49
N ALA A 21 2.78 -10.96 8.01
CA ALA A 21 3.15 -9.60 8.44
C ALA A 21 4.09 -9.64 9.65
N GLU A 22 3.92 -10.61 10.55
CA GLU A 22 4.84 -10.76 11.67
C GLU A 22 6.23 -11.14 11.17
N GLU A 23 6.32 -12.13 10.28
CA GLU A 23 7.64 -12.56 9.82
C GLU A 23 8.36 -11.48 9.03
N LEU A 24 7.62 -10.62 8.34
CA LEU A 24 8.22 -9.57 7.53
C LEU A 24 8.40 -8.26 8.28
N CYS A 25 8.00 -8.22 9.55
CA CYS A 25 8.19 -7.03 10.38
C CYS A 25 7.46 -5.82 9.81
N ILE A 26 6.22 -6.03 9.39
CA ILE A 26 5.38 -4.96 8.88
C ILE A 26 4.71 -4.26 10.05
N GLY A 27 4.94 -2.95 10.16
CA GLY A 27 4.29 -2.19 11.22
C GLY A 27 4.65 -2.64 12.62
N SER A 28 5.87 -3.11 12.82
CA SER A 28 6.27 -3.69 14.10
C SER A 28 7.02 -2.73 15.00
N SER A 29 7.25 -1.50 14.55
CA SER A 29 7.96 -0.54 15.36
C SER A 29 7.63 0.87 14.88
N VAL A 30 7.88 1.84 15.75
CA VAL A 30 7.91 3.24 15.37
C VAL A 30 9.37 3.61 15.14
N VAL A 31 9.72 3.90 13.89
CA VAL A 31 11.09 4.30 13.59
C VAL A 31 11.41 5.60 14.31
N GLU A 32 12.63 5.71 14.83
CA GLU A 32 13.06 6.88 15.58
C GLU A 32 14.22 7.53 14.83
N LEU A 33 14.03 8.78 14.41
CA LEU A 33 15.07 9.55 13.75
C LEU A 33 15.44 10.76 14.61
N ASP A 34 16.71 11.16 14.51
CA ASP A 34 17.18 12.37 15.16
C ASP A 34 17.29 13.56 14.22
N ARG A 35 17.26 13.31 12.91
CA ARG A 35 17.29 14.36 11.90
C ARG A 35 16.08 14.24 10.98
N ILE A 36 15.60 15.37 10.51
CA ILE A 36 14.50 15.37 9.54
C ILE A 36 14.97 14.69 8.26
N PRO A 37 14.24 13.70 7.73
CA PRO A 37 14.69 13.03 6.50
C PRO A 37 14.43 13.89 5.27
N THR A 38 15.06 13.50 4.16
CA THR A 38 14.77 14.13 2.89
C THR A 38 13.35 13.77 2.45
N ALA A 39 12.84 14.53 1.48
CA ALA A 39 11.51 14.24 0.95
C ALA A 39 11.46 12.85 0.34
N LEU A 40 12.49 12.48 -0.41
CA LEU A 40 12.54 11.15 -1.02
C LEU A 40 12.62 10.07 0.05
N GLU A 41 13.44 10.29 1.08
CA GLU A 41 13.52 9.33 2.18
C GLU A 41 12.15 9.15 2.84
N PHE A 42 11.47 10.26 3.14
CA PHE A 42 10.17 10.14 3.78
C PHE A 42 9.18 9.41 2.88
N CYS A 43 9.20 9.69 1.58
CA CYS A 43 8.28 9.03 0.67
C CYS A 43 8.55 7.53 0.61
N ARG A 44 9.81 7.14 0.44
CA ARG A 44 10.15 5.73 0.27
C ARG A 44 9.97 4.94 1.55
N GLU A 45 10.42 5.49 2.67
CA GLU A 45 10.57 4.71 3.89
C GLU A 45 9.36 4.76 4.81
N PHE A 46 8.48 5.74 4.68
CA PHE A 46 7.41 5.94 5.65
C PHE A 46 6.06 6.12 4.97
N TYR A 47 5.97 7.06 4.03
CA TYR A 47 4.71 7.28 3.34
C TYR A 47 4.29 6.04 2.56
N SER A 48 5.17 5.56 1.67
CA SER A 48 4.81 4.47 0.79
C SER A 48 4.64 3.15 1.53
N LYS A 49 5.28 2.98 2.68
CA LYS A 49 5.12 1.79 3.49
C LYS A 49 4.02 1.93 4.53
N ASN A 50 3.39 3.10 4.64
CA ASN A 50 2.36 3.33 5.66
C ASN A 50 2.92 3.06 7.06
N GLN A 51 4.09 3.63 7.33
CA GLN A 51 4.92 3.27 8.47
C GLN A 51 5.19 4.49 9.34
N PRO A 52 4.87 4.46 10.64
CA PRO A 52 5.06 5.65 11.47
C PRO A 52 6.52 5.89 11.80
N VAL A 53 6.84 7.17 11.99
CA VAL A 53 8.17 7.60 12.39
C VAL A 53 8.04 8.78 13.35
N VAL A 54 8.94 8.83 14.32
CA VAL A 54 9.04 9.97 15.23
C VAL A 54 10.41 10.58 15.01
N ILE A 55 10.45 11.89 14.81
CA ILE A 55 11.68 12.65 14.63
C ILE A 55 11.87 13.49 15.88
N ARG A 56 12.98 13.26 16.58
CA ARG A 56 13.21 13.87 17.87
C ARG A 56 13.75 15.28 17.72
N LYS A 57 13.12 16.23 18.41
CA LYS A 57 13.54 17.63 18.42
C LYS A 57 13.73 18.15 17.00
N ALA A 58 12.70 17.94 16.18
CA ALA A 58 12.73 18.40 14.80
C ALA A 58 12.44 19.89 14.69
N LEU A 59 11.55 20.40 15.54
CA LEU A 59 11.01 21.74 15.37
C LEU A 59 11.53 22.65 16.47
N ASN A 60 11.94 23.87 16.10
CA ASN A 60 12.20 24.93 17.06
C ASN A 60 11.35 26.16 16.75
N TRP A 61 10.08 25.92 16.41
CA TRP A 61 9.11 26.97 16.17
C TRP A 61 9.03 27.92 17.35
N PRO A 62 8.72 29.20 17.13
CA PRO A 62 8.60 30.10 18.28
C PRO A 62 7.56 29.64 19.28
N ALA A 63 6.54 28.90 18.83
CA ALA A 63 5.50 28.45 19.75
C ALA A 63 6.07 27.54 20.83
N ILE A 64 7.05 26.69 20.46
CA ILE A 64 7.54 25.69 21.39
C ILE A 64 8.12 26.36 22.63
N GLY A 65 8.69 27.55 22.48
CA GLY A 65 9.15 28.29 23.62
C GLY A 65 8.03 28.97 24.38
N LYS A 66 7.19 29.71 23.69
CA LYS A 66 6.40 30.74 24.35
C LYS A 66 4.95 30.38 24.59
N TRP A 67 4.43 29.29 24.02
CA TRP A 67 3.01 28.99 24.19
C TRP A 67 2.79 28.45 25.59
N THR A 68 2.29 29.31 26.47
CA THR A 68 1.80 29.02 27.81
C THR A 68 0.31 29.30 27.85
N PRO A 69 -0.44 28.72 28.80
CA PRO A 69 -1.85 29.14 28.94
C PRO A 69 -2.01 30.64 29.17
N LYS A 70 -1.10 31.26 29.94
CA LYS A 70 -1.14 32.70 30.13
C LYS A 70 -0.84 33.45 28.83
N TYR A 71 0.23 33.04 28.15
CA TYR A 71 0.54 33.67 26.87
C TYR A 71 -0.62 33.54 25.91
N LEU A 72 -1.28 32.39 25.90
CA LEU A 72 -2.39 32.19 24.97
C LEU A 72 -3.58 33.06 25.33
N ILE A 73 -3.86 33.21 26.63
CA ILE A 73 -4.93 34.12 27.03
C ILE A 73 -4.65 35.52 26.53
N GLU A 74 -3.40 35.98 26.67
CA GLU A 74 -3.08 37.33 26.21
C GLU A 74 -3.14 37.44 24.69
N ALA A 75 -2.58 36.47 23.98
CA ALA A 75 -2.50 36.56 22.53
C ALA A 75 -3.85 36.40 21.86
N LEU A 76 -4.76 35.66 22.47
CA LEU A 76 -6.09 35.45 21.92
C LEU A 76 -7.14 36.35 22.56
N GLY A 77 -6.72 37.31 23.38
CA GLY A 77 -7.67 38.24 23.96
C GLY A 77 -8.71 37.60 24.85
N ASP A 78 -8.38 36.44 25.42
CA ASP A 78 -9.28 35.75 26.35
C ASP A 78 -10.66 35.53 25.73
N ARG A 79 -10.67 35.18 24.45
CA ARG A 79 -11.92 34.94 23.76
C ARG A 79 -12.59 33.68 24.31
N SER A 80 -13.87 33.51 23.95
CA SER A 80 -14.56 32.27 24.26
C SER A 80 -14.11 31.18 23.28
N VAL A 81 -13.88 29.99 23.83
CA VAL A 81 -13.38 28.84 23.08
C VAL A 81 -14.33 27.68 23.34
N ASP A 82 -14.44 26.79 22.34
CA ASP A 82 -15.23 25.57 22.48
C ASP A 82 -14.41 24.56 23.28
N VAL A 83 -15.04 23.92 24.25
CA VAL A 83 -14.34 22.99 25.13
C VAL A 83 -15.24 21.81 25.42
N ALA A 84 -14.62 20.64 25.49
CA ALA A 84 -15.28 19.38 25.75
C ALA A 84 -15.05 18.98 27.20
N ILE A 85 -16.09 18.43 27.82
CA ILE A 85 -16.10 18.12 29.23
C ILE A 85 -16.69 16.73 29.42
N THR A 86 -16.02 15.94 30.25
CA THR A 86 -16.50 14.62 30.64
C THR A 86 -16.27 14.42 32.12
N PRO A 87 -17.02 13.50 32.76
CA PRO A 87 -16.77 13.19 34.17
C PRO A 87 -15.59 12.24 34.31
N ASN A 88 -15.34 11.47 33.25
CA ASN A 88 -14.44 10.35 33.32
C ASN A 88 -13.13 10.58 32.58
N GLY A 89 -13.04 11.64 31.77
CA GLY A 89 -11.87 11.85 30.94
C GLY A 89 -11.91 11.13 29.62
N TYR A 90 -13.02 10.50 29.26
CA TYR A 90 -13.12 9.77 28.00
C TYR A 90 -14.17 10.44 27.12
N ALA A 91 -13.77 11.54 26.47
CA ALA A 91 -14.57 12.11 25.39
C ALA A 91 -14.51 11.20 24.17
N ASP A 92 -15.66 10.92 23.57
CA ASP A 92 -15.74 9.96 22.48
C ASP A 92 -15.17 8.62 22.93
N GLY A 93 -15.89 8.00 23.87
CA GLY A 93 -15.39 6.79 24.50
C GLY A 93 -16.49 6.05 25.20
N LEU A 94 -16.17 4.82 25.60
CA LEU A 94 -17.18 3.95 26.20
C LEU A 94 -17.32 4.21 27.69
N ALA A 95 -18.56 4.24 28.16
CA ALA A 95 -18.88 4.40 29.57
C ALA A 95 -20.15 3.61 29.86
N THR A 96 -20.31 3.18 31.10
CA THR A 96 -21.42 2.31 31.48
C THR A 96 -22.39 3.05 32.39
N GLN A 97 -23.69 2.81 32.15
CA GLN A 97 -24.75 3.41 32.95
C GLN A 97 -25.92 2.43 32.99
N ASN A 98 -26.40 2.15 34.20
CA ASN A 98 -27.58 1.32 34.41
C ASN A 98 -27.50 0.03 33.61
N GLY A 99 -26.32 -0.59 33.64
CA GLY A 99 -26.12 -1.88 33.03
C GLY A 99 -25.90 -1.88 31.54
N GLN A 100 -25.78 -0.70 30.91
CA GLN A 100 -25.60 -0.60 29.47
C GLN A 100 -24.33 0.17 29.18
N GLU A 101 -23.50 -0.35 28.29
CA GLU A 101 -22.31 0.34 27.83
C GLU A 101 -22.67 1.21 26.63
N TYR A 102 -22.31 2.48 26.68
CA TYR A 102 -22.55 3.44 25.62
C TYR A 102 -21.25 3.95 25.06
N PHE A 103 -21.26 4.30 23.77
CA PHE A 103 -20.29 5.24 23.23
C PHE A 103 -20.81 6.65 23.51
N VAL A 104 -20.05 7.43 24.27
CA VAL A 104 -20.49 8.73 24.75
C VAL A 104 -19.63 9.80 24.12
N LEU A 105 -20.31 10.87 23.57
CA LEU A 105 -19.85 12.17 23.09
C LEU A 105 -19.69 13.12 24.27
N PRO A 106 -18.68 13.99 24.23
CA PRO A 106 -18.48 14.92 25.35
C PRO A 106 -19.57 15.96 25.44
N LEU A 107 -19.73 16.50 26.65
CA LEU A 107 -20.49 17.73 26.82
C LEU A 107 -19.71 18.87 26.20
N GLU A 108 -20.29 19.57 25.23
CA GLU A 108 -19.60 20.63 24.52
C GLU A 108 -20.17 21.98 24.94
N THR A 109 -19.29 22.91 25.31
CA THR A 109 -19.75 24.21 25.74
C THR A 109 -18.75 25.27 25.30
N LYS A 110 -19.13 26.52 25.51
CA LYS A 110 -18.27 27.67 25.23
C LYS A 110 -17.89 28.34 26.53
N MET A 111 -16.61 28.69 26.68
CA MET A 111 -16.21 29.47 27.84
C MET A 111 -14.91 30.21 27.56
N LYS A 112 -14.67 31.27 28.31
CA LYS A 112 -13.44 32.04 28.15
C LYS A 112 -12.22 31.16 28.42
N LEU A 113 -11.15 31.41 27.67
CA LEU A 113 -9.92 30.62 27.85
C LEU A 113 -9.45 30.66 29.31
N SER A 114 -9.60 31.80 29.98
CA SER A 114 -9.19 31.89 31.37
C SER A 114 -10.00 30.95 32.26
N GLU A 115 -11.30 30.80 31.97
CA GLU A 115 -12.10 29.84 32.72
C GLU A 115 -11.62 28.40 32.47
N VAL A 116 -11.34 28.07 31.21
CA VAL A 116 -10.79 26.75 30.92
C VAL A 116 -9.55 26.51 31.76
N VAL A 117 -8.66 27.49 31.84
CA VAL A 117 -7.40 27.27 32.55
C VAL A 117 -7.65 27.12 34.04
N ARG A 118 -8.55 27.93 34.60
CA ARG A 118 -8.92 27.75 35.99
C ARG A 118 -9.42 26.33 36.26
N ARG A 119 -10.24 25.79 35.36
CA ARG A 119 -10.80 24.46 35.56
C ARG A 119 -9.78 23.35 35.29
N LEU A 120 -8.75 23.62 34.50
CA LEU A 120 -7.64 22.69 34.39
C LEU A 120 -6.81 22.64 35.67
N ASP A 121 -6.87 23.70 36.48
CA ASP A 121 -6.11 23.75 37.74
C ASP A 121 -6.83 23.11 38.90
N ASP A 122 -8.09 22.72 38.73
CA ASP A 122 -8.86 22.05 39.79
C ASP A 122 -8.71 20.55 39.60
N PRO A 123 -7.91 19.86 40.41
CA PRO A 123 -7.72 18.42 40.18
C PRO A 123 -8.94 17.58 40.51
N THR A 124 -9.99 18.17 41.09
CA THR A 124 -11.18 17.42 41.48
C THR A 124 -12.27 17.49 40.41
N GLY A 125 -12.47 18.65 39.80
CA GLY A 125 -13.64 18.86 38.97
C GLY A 125 -13.62 18.05 37.68
N ALA A 126 -14.59 18.39 36.83
CA ALA A 126 -14.77 17.69 35.58
C ALA A 126 -13.54 17.84 34.70
N VAL A 127 -13.44 16.95 33.71
CA VAL A 127 -12.27 16.87 32.86
C VAL A 127 -12.53 17.68 31.59
N HIS A 128 -11.64 18.63 31.32
CA HIS A 128 -11.77 19.57 30.21
C HIS A 128 -10.69 19.33 29.17
N TYR A 129 -11.04 19.60 27.92
CA TYR A 129 -10.15 19.35 26.78
C TYR A 129 -10.60 20.23 25.64
N ILE A 130 -9.69 21.05 25.11
CA ILE A 130 -9.92 21.75 23.85
C ILE A 130 -9.50 20.78 22.76
N GLN A 131 -10.48 20.05 22.25
CA GLN A 131 -10.25 18.91 21.37
C GLN A 131 -11.05 19.00 20.09
N LYS A 132 -11.64 20.15 19.77
CA LYS A 132 -12.69 20.21 18.75
C LYS A 132 -12.21 19.72 17.38
N GLN A 133 -10.91 19.67 17.12
CA GLN A 133 -10.37 19.37 15.79
C GLN A 133 -11.15 20.19 14.75
N ASN A 134 -11.44 19.59 13.59
CA ASN A 134 -12.19 20.28 12.54
C ASN A 134 -11.47 21.54 12.08
N SER A 135 -10.14 21.47 12.04
CA SER A 135 -9.30 22.61 11.66
C SER A 135 -9.57 23.80 12.58
N ASN A 136 -9.63 23.56 13.89
CA ASN A 136 -9.99 24.62 14.82
C ASN A 136 -8.89 25.67 14.93
N LEU A 137 -7.63 25.31 14.68
CA LEU A 137 -6.57 26.30 14.69
C LEU A 137 -6.82 27.35 13.61
N SER A 138 -6.91 26.93 12.35
CA SER A 138 -7.03 27.89 11.26
C SER A 138 -8.40 28.55 11.20
N VAL A 139 -9.43 27.91 11.75
CA VAL A 139 -10.77 28.48 11.70
C VAL A 139 -11.02 29.41 12.87
N ASP A 140 -10.76 28.95 14.10
CA ASP A 140 -11.13 29.71 15.28
C ASP A 140 -9.95 30.40 15.96
N LEU A 141 -8.71 30.01 15.65
CA LEU A 141 -7.54 30.62 16.30
C LEU A 141 -6.45 30.94 15.28
N PRO A 142 -6.80 31.63 14.18
CA PRO A 142 -5.79 31.85 13.12
C PRO A 142 -4.56 32.63 13.57
N GLU A 143 -4.68 33.50 14.57
CA GLU A 143 -3.53 34.27 15.03
C GLU A 143 -2.38 33.34 15.43
N LEU A 144 -2.71 32.23 16.06
CA LEU A 144 -1.70 31.26 16.54
C LEU A 144 -0.81 30.84 15.38
N ALA A 145 -1.31 30.87 14.14
CA ALA A 145 -0.53 30.42 13.00
C ALA A 145 0.77 31.20 12.85
N ALA A 146 0.85 32.40 13.42
CA ALA A 146 2.05 33.21 13.25
C ALA A 146 3.25 32.63 14.00
N ASP A 147 3.02 31.79 15.02
CA ASP A 147 4.11 31.21 15.78
C ASP A 147 4.53 29.84 15.28
N LEU A 148 4.02 29.41 14.14
CA LEU A 148 4.39 28.15 13.53
C LEU A 148 5.07 28.41 12.18
N ARG A 149 5.91 27.48 11.76
CA ARG A 149 6.54 27.52 10.43
C ARG A 149 6.18 26.21 9.72
N VAL A 150 4.98 26.18 9.12
CA VAL A 150 4.51 24.95 8.49
C VAL A 150 5.40 24.51 7.34
N SER A 151 6.19 25.42 6.77
CA SER A 151 7.10 25.03 5.69
C SER A 151 8.09 23.97 6.17
N ASP A 152 8.42 23.96 7.47
CA ASP A 152 9.34 22.96 7.99
C ASP A 152 8.81 21.55 7.80
N LEU A 153 7.51 21.40 7.52
CA LEU A 153 6.92 20.10 7.30
C LEU A 153 7.02 19.65 5.84
N ASP A 154 7.73 20.40 5.01
CA ASP A 154 7.77 20.10 3.59
C ASP A 154 8.23 18.67 3.33
N PHE A 155 9.25 18.21 4.07
CA PHE A 155 9.76 16.86 3.89
C PHE A 155 8.63 15.85 3.82
N ALA A 156 7.54 16.08 4.54
CA ALA A 156 6.40 15.18 4.52
C ALA A 156 5.36 15.62 3.50
N GLN A 157 5.10 16.92 3.40
CA GLN A 157 4.01 17.39 2.57
C GLN A 157 4.22 17.03 1.10
N GLN A 158 5.47 17.01 0.65
CA GLN A 158 5.75 16.64 -0.73
C GLN A 158 5.25 15.24 -1.06
N SER A 159 5.18 14.36 -0.06
CA SER A 159 4.60 13.04 -0.29
C SER A 159 3.09 13.11 -0.41
N PHE A 160 2.44 13.92 0.44
CA PHE A 160 0.99 14.09 0.34
C PHE A 160 0.62 14.98 -0.83
N ASN A 161 1.50 15.92 -1.19
CA ASN A 161 1.37 16.74 -2.39
C ASN A 161 0.09 17.56 -2.38
N LYS A 162 -0.16 18.22 -1.27
CA LYS A 162 -1.31 19.11 -1.09
C LYS A 162 -1.17 19.77 0.27
N PRO A 163 -1.70 20.97 0.46
CA PRO A 163 -1.60 21.62 1.78
C PRO A 163 -2.46 20.89 2.80
N PRO A 164 -2.28 21.17 4.10
CA PRO A 164 -3.12 20.52 5.10
C PRO A 164 -4.60 20.68 4.79
N ASP A 165 -5.35 19.58 4.94
CA ASP A 165 -6.80 19.66 4.92
C ASP A 165 -7.34 20.16 6.25
N ALA A 166 -6.62 19.90 7.34
CA ALA A 166 -6.99 20.53 8.61
C ALA A 166 -5.77 20.79 9.47
N VAL A 167 -5.81 21.89 10.22
CA VAL A 167 -4.81 22.21 11.24
C VAL A 167 -5.54 22.34 12.57
N ASN A 168 -5.18 21.50 13.53
CA ASN A 168 -5.92 21.41 14.79
C ASN A 168 -5.04 21.75 15.98
N PHE A 169 -5.71 22.28 17.02
CA PHE A 169 -5.09 22.74 18.26
C PHE A 169 -5.66 21.93 19.41
N TRP A 170 -4.79 21.36 20.23
CA TRP A 170 -5.18 20.55 21.37
C TRP A 170 -4.57 21.12 22.64
N LEU A 171 -5.40 21.33 23.66
CA LEU A 171 -4.93 21.74 24.99
C LEU A 171 -5.77 21.00 26.02
N GLY A 172 -5.11 20.16 26.84
CA GLY A 172 -5.83 19.13 27.57
C GLY A 172 -5.40 18.95 29.02
N ASP A 173 -6.34 18.40 29.80
CA ASP A 173 -6.10 17.90 31.15
C ASP A 173 -5.37 16.56 31.10
N GLU A 174 -4.57 16.29 32.14
CA GLU A 174 -3.85 15.01 32.20
C GLU A 174 -4.81 13.83 32.20
N ARG A 175 -6.04 14.04 32.68
CA ARG A 175 -6.99 12.94 32.78
C ARG A 175 -7.76 12.71 31.49
N ALA A 176 -7.61 13.57 30.49
CA ALA A 176 -8.33 13.43 29.23
C ALA A 176 -7.62 12.41 28.36
N VAL A 177 -8.27 11.26 28.15
CA VAL A 177 -7.71 10.17 27.37
C VAL A 177 -8.52 10.02 26.09
N THR A 178 -7.83 9.89 24.96
CA THR A 178 -8.47 9.63 23.68
C THR A 178 -8.49 8.13 23.42
N SER A 179 -9.69 7.55 23.40
CA SER A 179 -9.82 6.10 23.25
C SER A 179 -9.48 5.67 21.83
N MET A 180 -9.08 4.40 21.69
CA MET A 180 -8.53 3.92 20.44
C MET A 180 -9.51 4.07 19.29
N HIS A 181 -8.98 4.51 18.15
CA HIS A 181 -9.76 4.80 16.95
C HIS A 181 -8.77 5.01 15.81
N LYS A 182 -9.31 5.17 14.61
CA LYS A 182 -8.52 5.43 13.42
C LYS A 182 -9.10 6.63 12.66
N ASP A 183 -8.26 7.26 11.86
CA ASP A 183 -8.67 8.40 11.05
C ASP A 183 -8.34 8.16 9.58
N PRO A 184 -9.17 8.69 8.66
CA PRO A 184 -8.86 8.53 7.23
C PRO A 184 -7.94 9.63 6.71
N TYR A 185 -6.90 9.97 7.47
CA TYR A 185 -5.99 11.04 7.06
C TYR A 185 -4.55 10.64 7.37
N GLU A 186 -3.63 11.16 6.56
CA GLU A 186 -2.23 11.20 6.95
C GLU A 186 -2.06 12.28 8.00
N ASN A 187 -1.35 11.99 9.10
CA ASN A 187 -1.32 12.88 10.25
C ASN A 187 0.11 13.23 10.61
N VAL A 188 0.42 14.52 10.68
CA VAL A 188 1.70 15.01 11.17
C VAL A 188 1.43 15.74 12.49
N TYR A 189 1.90 15.16 13.58
CA TYR A 189 1.55 15.55 14.93
C TYR A 189 2.74 16.22 15.59
N CYS A 190 2.55 17.41 16.16
CA CYS A 190 3.65 18.22 16.68
C CYS A 190 3.29 18.67 18.08
N VAL A 191 4.00 18.16 19.07
CA VAL A 191 3.80 18.56 20.45
C VAL A 191 4.51 19.90 20.68
N ILE A 192 3.78 20.87 21.22
CA ILE A 192 4.33 22.20 21.48
C ILE A 192 4.84 22.31 22.90
N SER A 193 4.13 21.70 23.84
CA SER A 193 4.46 21.79 25.25
C SER A 193 4.03 20.51 25.94
N GLY A 194 4.92 19.95 26.76
CA GLY A 194 4.62 18.73 27.47
C GLY A 194 4.88 17.50 26.62
N HIS A 195 4.05 16.46 26.77
CA HIS A 195 4.27 15.25 26.00
C HIS A 195 2.98 14.48 25.83
N LYS A 196 2.93 13.72 24.73
CA LYS A 196 1.82 12.84 24.41
C LYS A 196 2.31 11.41 24.37
N ASP A 197 1.50 10.48 24.87
CA ASP A 197 1.82 9.06 24.85
C ASP A 197 0.84 8.38 23.90
N PHE A 198 1.38 7.71 22.89
CA PHE A 198 0.59 7.04 21.86
C PHE A 198 0.73 5.53 22.00
N VAL A 199 -0.39 4.83 21.89
CA VAL A 199 -0.44 3.40 21.64
C VAL A 199 -0.99 3.22 20.24
N LEU A 200 -0.24 2.52 19.39
CA LEU A 200 -0.55 2.45 17.96
C LEU A 200 -0.67 0.99 17.52
N ILE A 201 -1.62 0.72 16.63
CA ILE A 201 -1.80 -0.62 16.07
C ILE A 201 -2.01 -0.52 14.57
N PRO A 202 -1.34 -1.33 13.75
CA PRO A 202 -1.39 -1.12 12.31
C PRO A 202 -2.69 -1.64 11.71
N PRO A 203 -3.11 -1.11 10.58
CA PRO A 203 -4.41 -1.52 10.01
C PRO A 203 -4.52 -3.02 9.75
N HIS A 204 -3.45 -3.67 9.29
CA HIS A 204 -3.56 -5.09 8.94
C HIS A 204 -3.84 -5.97 10.14
N GLN A 205 -3.69 -5.46 11.36
CA GLN A 205 -4.06 -6.18 12.56
C GLN A 205 -5.50 -5.91 12.98
N LEU A 206 -6.35 -5.49 12.05
CA LEU A 206 -7.73 -5.19 12.39
C LEU A 206 -8.43 -6.38 13.05
N SER A 207 -8.07 -7.59 12.64
CA SER A 207 -8.76 -8.77 13.17
C SER A 207 -8.38 -9.07 14.62
N CYS A 208 -7.37 -8.37 15.16
CA CYS A 208 -7.01 -8.53 16.57
C CYS A 208 -7.62 -7.46 17.46
N VAL A 209 -8.26 -6.44 16.87
CA VAL A 209 -8.84 -5.34 17.61
C VAL A 209 -10.35 -5.57 17.70
N PRO A 210 -10.89 -5.94 18.86
CA PRO A 210 -12.34 -6.15 18.95
C PRO A 210 -13.10 -4.83 18.77
N ARG A 211 -14.12 -4.87 17.92
CA ARG A 211 -14.96 -3.72 17.64
C ARG A 211 -16.41 -4.11 17.88
N GLY A 212 -17.14 -3.22 18.54
CA GLY A 212 -18.53 -3.47 18.87
C GLY A 212 -19.43 -2.35 18.38
N ILE A 213 -20.70 -2.68 18.25
CA ILE A 213 -21.74 -1.72 17.90
C ILE A 213 -22.43 -1.30 19.18
N TYR A 214 -22.30 -0.02 19.56
CA TYR A 214 -22.80 0.46 20.83
C TYR A 214 -23.88 1.53 20.64
N PRO A 215 -24.87 1.59 21.54
CA PRO A 215 -25.78 2.74 21.55
C PRO A 215 -25.01 4.00 21.91
N THR A 216 -25.40 5.11 21.28
CA THR A 216 -24.69 6.37 21.45
C THR A 216 -25.39 7.23 22.50
N GLY A 217 -24.58 7.94 23.28
CA GLY A 217 -25.09 8.89 24.25
C GLY A 217 -24.24 10.15 24.24
N VAL A 218 -24.70 11.12 25.01
CA VAL A 218 -23.97 12.38 25.18
C VAL A 218 -23.94 12.71 26.67
N TYR A 219 -22.82 13.24 27.15
CA TYR A 219 -22.76 13.65 28.54
C TYR A 219 -23.60 14.91 28.75
N LYS A 220 -24.55 14.82 29.68
CA LYS A 220 -25.30 15.98 30.14
C LYS A 220 -25.09 16.08 31.64
N THR A 221 -25.41 17.24 32.21
CA THR A 221 -25.28 17.44 33.65
C THR A 221 -26.60 17.95 34.20
N SER A 222 -26.94 17.50 35.41
CA SER A 222 -28.21 17.83 36.03
C SER A 222 -28.17 19.26 36.58
N ASP A 223 -29.31 19.73 37.09
CA ASP A 223 -29.34 21.00 37.79
C ASP A 223 -28.35 21.00 38.95
N SER A 224 -28.07 19.83 39.51
CA SER A 224 -27.12 19.69 40.62
C SER A 224 -25.68 19.69 40.14
N GLY A 225 -25.43 19.66 38.84
CA GLY A 225 -24.08 19.52 38.34
C GLY A 225 -23.62 18.10 38.25
N GLN A 226 -24.50 17.13 38.48
CA GLN A 226 -24.16 15.72 38.39
C GLN A 226 -24.19 15.27 36.94
N PHE A 227 -23.13 14.57 36.52
CA PHE A 227 -23.03 14.11 35.15
C PHE A 227 -23.84 12.83 34.95
N TYR A 228 -24.37 12.66 33.74
CA TYR A 228 -25.04 11.44 33.34
C TYR A 228 -25.00 11.34 31.83
N ILE A 229 -25.37 10.17 31.32
CA ILE A 229 -25.37 9.90 29.89
C ILE A 229 -26.81 9.94 29.39
N GLU A 230 -27.06 10.80 28.41
CA GLU A 230 -28.36 10.85 27.74
C GLU A 230 -28.27 10.06 26.45
N PRO A 231 -29.00 8.97 26.28
CA PRO A 231 -28.92 8.21 25.04
C PRO A 231 -29.53 8.98 23.87
N LEU A 232 -28.98 8.72 22.68
CA LEU A 232 -29.48 9.31 21.44
C LEU A 232 -30.43 8.31 20.80
N ARG A 233 -31.74 8.60 20.86
CA ARG A 233 -32.78 7.69 20.39
C ARG A 233 -33.65 8.39 19.37
N ASP A 234 -33.62 7.92 18.18
CA ASP A 234 -33.95 8.81 17.10
C ASP A 234 -35.42 8.73 16.73
N GLU A 235 -35.75 9.38 15.60
CA GLU A 235 -37.08 9.24 15.07
C GLU A 235 -37.38 7.75 14.84
N GLU A 236 -36.43 6.86 14.44
CA GLU A 236 -37.05 5.55 14.13
C GLU A 236 -37.38 4.82 15.44
N GLY A 237 -36.97 5.36 16.60
CA GLY A 237 -37.26 4.66 17.83
C GLY A 237 -36.04 3.98 18.40
N SER A 238 -35.23 3.37 17.54
CA SER A 238 -34.07 2.63 17.98
C SER A 238 -33.03 3.56 18.59
N ASP A 239 -32.01 2.98 19.20
CA ASP A 239 -30.82 3.74 19.57
C ASP A 239 -30.08 4.20 18.31
N GLN A 240 -29.31 5.27 18.43
CA GLN A 240 -28.35 5.66 17.40
C GLN A 240 -27.04 4.93 17.70
N PHE A 241 -26.56 4.16 16.74
CA PHE A 241 -25.47 3.23 17.01
C PHE A 241 -24.14 3.72 16.43
N THR A 242 -23.05 3.33 17.08
CA THR A 242 -21.70 3.69 16.67
C THR A 242 -20.82 2.45 16.78
N GLU A 243 -20.04 2.17 15.73
CA GLU A 243 -19.01 1.15 15.82
C GLU A 243 -17.79 1.72 16.50
N TRP A 244 -17.23 1.00 17.47
CA TRP A 244 -16.11 1.51 18.23
C TRP A 244 -15.24 0.36 18.75
N VAL A 245 -13.95 0.66 18.91
CA VAL A 245 -13.03 -0.33 19.46
C VAL A 245 -13.42 -0.63 20.90
N SER A 246 -13.45 -1.92 21.25
CA SER A 246 -13.96 -2.35 22.54
C SER A 246 -12.90 -2.48 23.60
N VAL A 247 -11.64 -2.57 23.22
CA VAL A 247 -10.57 -2.92 24.16
C VAL A 247 -10.01 -1.65 24.77
N ASP A 248 -9.53 -1.76 26.01
CA ASP A 248 -8.77 -0.71 26.68
C ASP A 248 -7.29 -1.05 26.53
N PRO A 249 -6.53 -0.36 25.67
CA PRO A 249 -5.13 -0.78 25.47
C PRO A 249 -4.30 -0.72 26.75
N LEU A 250 -4.66 0.14 27.69
CA LEU A 250 -3.84 0.30 28.89
C LEU A 250 -3.98 -0.86 29.85
N SER A 251 -5.07 -1.63 29.78
CA SER A 251 -5.28 -2.75 30.69
C SER A 251 -6.26 -3.72 30.05
N PRO A 252 -5.86 -4.44 29.01
CA PRO A 252 -6.82 -5.23 28.23
C PRO A 252 -7.26 -6.52 28.91
N ASP A 253 -8.51 -6.89 28.62
CA ASP A 253 -9.15 -8.10 29.15
C ASP A 253 -8.99 -9.18 28.10
N LEU A 254 -7.90 -9.94 28.20
CA LEU A 254 -7.59 -10.94 27.20
C LEU A 254 -8.43 -12.21 27.34
N ALA A 255 -9.12 -12.40 28.46
CA ALA A 255 -10.09 -13.48 28.55
C ALA A 255 -11.36 -13.14 27.77
N LYS A 256 -11.83 -11.90 27.90
CA LYS A 256 -12.97 -11.42 27.12
C LYS A 256 -12.61 -11.25 25.65
N TYR A 257 -11.38 -10.86 25.36
CA TYR A 257 -10.94 -10.58 23.99
C TYR A 257 -9.68 -11.37 23.69
N PRO A 258 -9.81 -12.67 23.44
CA PRO A 258 -8.62 -13.46 23.10
C PRO A 258 -7.88 -12.95 21.87
N GLU A 259 -8.61 -12.43 20.87
CA GLU A 259 -7.97 -12.01 19.62
C GLU A 259 -6.94 -10.92 19.87
N TYR A 260 -7.17 -10.05 20.85
CA TYR A 260 -6.22 -8.98 21.12
C TYR A 260 -4.88 -9.51 21.58
N ALA A 261 -4.82 -10.75 22.07
CA ALA A 261 -3.52 -11.33 22.41
C ALA A 261 -2.59 -11.33 21.21
N ARG A 262 -3.13 -11.35 20.00
CA ARG A 262 -2.36 -11.44 18.76
C ARG A 262 -1.93 -10.06 18.27
N ALA A 263 -2.50 -8.96 18.75
CA ALA A 263 -2.03 -7.63 18.41
C ALA A 263 -0.64 -7.37 19.01
N LYS A 264 0.10 -6.44 18.38
CA LYS A 264 1.40 -5.97 18.83
C LYS A 264 1.32 -4.45 18.89
N PRO A 265 0.69 -3.90 19.94
CA PRO A 265 0.64 -2.44 20.03
C PRO A 265 2.02 -1.84 20.26
N LEU A 266 2.21 -0.63 19.75
CA LEU A 266 3.49 0.06 19.82
C LEU A 266 3.31 1.32 20.65
N LYS A 267 4.22 1.55 21.59
CA LYS A 267 4.15 2.71 22.45
C LYS A 267 5.21 3.72 22.01
N VAL A 268 4.81 4.97 21.91
CA VAL A 268 5.77 6.03 21.63
C VAL A 268 5.38 7.29 22.40
N ARG A 269 6.36 7.95 22.99
CA ARG A 269 6.15 9.24 23.64
C ARG A 269 6.69 10.34 22.75
N VAL A 270 5.92 11.40 22.57
CA VAL A 270 6.26 12.52 21.71
C VAL A 270 6.39 13.76 22.59
N HIS A 271 7.57 14.38 22.57
CA HIS A 271 7.87 15.52 23.41
C HIS A 271 7.77 16.82 22.61
N ALA A 272 7.85 17.94 23.34
CA ALA A 272 7.86 19.24 22.69
C ALA A 272 8.99 19.31 21.68
N GLY A 273 8.64 19.68 20.44
CA GLY A 273 9.60 19.76 19.37
C GLY A 273 9.72 18.50 18.54
N ASP A 274 9.15 17.37 18.99
CA ASP A 274 9.17 16.16 18.22
C ASP A 274 8.05 16.17 17.18
N ILE A 275 8.26 15.44 16.09
CA ILE A 275 7.23 15.21 15.10
C ILE A 275 6.87 13.73 15.10
N LEU A 276 5.59 13.41 15.05
CA LEU A 276 5.13 12.04 14.85
C LEU A 276 4.34 11.97 13.55
N TYR A 277 4.77 11.11 12.63
CA TYR A 277 3.97 10.78 11.45
C TYR A 277 3.10 9.58 11.81
N LEU A 278 1.79 9.81 11.89
CA LEU A 278 0.79 8.79 12.15
C LEU A 278 0.09 8.48 10.83
N PRO A 279 0.38 7.34 10.21
CA PRO A 279 -0.14 7.08 8.86
C PRO A 279 -1.63 6.80 8.87
N ASN A 280 -2.25 7.02 7.71
CA ASN A 280 -3.69 6.83 7.58
C ASN A 280 -4.08 5.42 8.03
N TYR A 281 -5.22 5.37 8.73
CA TYR A 281 -5.92 4.16 9.16
C TYR A 281 -5.20 3.39 10.26
N TRP A 282 -4.15 3.96 10.85
CA TRP A 282 -3.52 3.37 12.01
C TRP A 282 -4.39 3.61 13.25
N PHE A 283 -4.65 2.54 14.01
CA PHE A 283 -5.28 2.70 15.31
C PHE A 283 -4.36 3.47 16.25
N HIS A 284 -4.92 4.44 16.97
CA HIS A 284 -4.16 5.15 18.00
C HIS A 284 -5.03 5.47 19.21
N HIS A 285 -4.40 5.38 20.37
CA HIS A 285 -4.93 5.70 21.69
C HIS A 285 -3.96 6.70 22.29
N VAL A 286 -4.46 7.78 22.87
CA VAL A 286 -3.61 8.93 23.18
C VAL A 286 -3.84 9.39 24.61
N SER A 287 -2.74 9.61 25.35
CA SER A 287 -2.75 10.21 26.67
C SER A 287 -1.80 11.39 26.65
N GLN A 288 -1.83 12.21 27.70
CA GLN A 288 -1.08 13.46 27.66
C GLN A 288 -0.71 13.93 29.06
N SER A 289 0.39 14.67 29.14
CA SER A 289 0.74 15.39 30.35
C SER A 289 -0.25 16.54 30.58
N HIS A 290 -0.25 17.06 31.81
CA HIS A 290 -1.23 18.08 32.19
C HIS A 290 -0.96 19.38 31.45
N LYS A 291 -2.04 19.96 30.90
CA LYS A 291 -1.97 21.20 30.13
C LYS A 291 -1.10 21.05 28.89
N CYS A 292 -0.99 19.82 28.38
CA CYS A 292 -0.28 19.60 27.13
C CYS A 292 -0.95 20.36 25.99
N ILE A 293 -0.11 20.94 25.14
CA ILE A 293 -0.51 21.67 23.94
C ILE A 293 0.10 20.96 22.73
N ALA A 294 -0.70 20.74 21.70
CA ALA A 294 -0.22 20.12 20.48
C ALA A 294 -0.95 20.70 19.29
N VAL A 295 -0.31 20.63 18.14
CA VAL A 295 -0.91 21.00 16.87
C VAL A 295 -0.74 19.82 15.93
N ASN A 296 -1.80 19.49 15.20
CA ASN A 296 -1.66 18.41 14.23
C ASN A 296 -2.20 18.83 12.87
N PHE A 297 -1.54 18.34 11.82
CA PHE A 297 -1.89 18.64 10.44
C PHE A 297 -2.40 17.38 9.76
N TRP A 298 -3.61 17.44 9.21
CA TRP A 298 -4.25 16.32 8.55
C TRP A 298 -4.29 16.56 7.05
N TYR A 299 -3.89 15.53 6.29
CA TYR A 299 -3.94 15.52 4.83
C TYR A 299 -4.82 14.38 4.34
N ASP A 300 -5.66 14.67 3.34
CA ASP A 300 -6.51 13.65 2.78
C ASP A 300 -5.67 12.54 2.17
N LEU A 301 -6.15 11.31 2.31
CA LEU A 301 -5.39 10.14 1.91
C LEU A 301 -5.48 9.90 0.41
N ASP A 302 -4.41 9.35 -0.15
CA ASP A 302 -4.36 8.93 -1.54
C ASP A 302 -4.69 7.44 -1.61
N TYR A 303 -5.81 7.10 -2.24
CA TYR A 303 -6.36 5.75 -2.19
C TYR A 303 -5.54 4.79 -3.04
N ASP A 304 -5.38 3.58 -2.53
CA ASP A 304 -4.73 2.48 -3.24
C ASP A 304 -5.46 1.19 -2.86
N SER A 305 -4.84 0.05 -3.17
CA SER A 305 -5.50 -1.22 -2.90
C SER A 305 -5.53 -1.56 -1.42
N ARG A 306 -4.65 -0.96 -0.60
CA ARG A 306 -4.66 -1.27 0.82
C ARG A 306 -5.98 -0.87 1.47
N TYR A 307 -6.60 0.21 0.99
CA TYR A 307 -7.92 0.57 1.50
C TYR A 307 -8.95 -0.50 1.15
N CYS A 308 -8.92 -1.01 -0.07
CA CYS A 308 -9.87 -2.05 -0.47
C CYS A 308 -9.65 -3.31 0.34
N TYR A 309 -8.38 -3.66 0.61
CA TYR A 309 -8.09 -4.81 1.45
C TYR A 309 -8.59 -4.60 2.88
N TYR A 310 -8.44 -3.38 3.40
CA TYR A 310 -8.95 -3.06 4.74
C TYR A 310 -10.46 -3.23 4.81
N ARG A 311 -11.18 -2.75 3.79
CA ARG A 311 -12.62 -2.96 3.74
C ARG A 311 -12.95 -4.45 3.69
N MET A 312 -12.14 -5.22 2.94
CA MET A 312 -12.36 -6.67 2.89
C MET A 312 -12.17 -7.29 4.26
N LEU A 313 -11.16 -6.81 5.01
CA LEU A 313 -10.96 -7.30 6.37
C LEU A 313 -12.16 -6.99 7.26
N GLU A 314 -12.70 -5.78 7.14
CA GLU A 314 -13.91 -5.42 7.88
C GLU A 314 -15.04 -6.40 7.57
N GLN A 315 -15.21 -6.72 6.28
CA GLN A 315 -16.20 -7.74 5.91
C GLN A 315 -15.88 -9.08 6.55
N MET A 316 -14.62 -9.48 6.55
CA MET A 316 -14.25 -10.82 7.02
C MET A 316 -14.42 -10.95 8.52
N THR A 317 -14.15 -9.89 9.26
CA THR A 317 -14.22 -9.92 10.72
C THR A 317 -15.60 -9.55 11.25
N SER A 318 -16.56 -9.31 10.37
CA SER A 318 -17.92 -8.97 10.78
C SER A 318 -18.67 -10.24 11.19
N MET B 7 -23.82 -16.70 -2.59
CA MET B 7 -22.38 -16.39 -2.33
C MET B 7 -21.98 -16.79 -0.92
N SER B 8 -20.79 -17.37 -0.79
CA SER B 8 -20.31 -17.83 0.50
C SER B 8 -19.62 -16.69 1.26
N GLU B 9 -19.15 -17.01 2.46
CA GLU B 9 -18.42 -16.02 3.28
C GLU B 9 -17.19 -15.51 2.54
N VAL B 10 -16.36 -16.43 2.05
CA VAL B 10 -15.16 -16.04 1.31
C VAL B 10 -15.53 -15.22 0.09
N GLU B 11 -16.61 -15.62 -0.61
CA GLU B 11 -17.01 -14.90 -1.81
C GLU B 11 -17.61 -13.53 -1.47
N ARG B 12 -18.30 -13.41 -0.34
CA ARG B 12 -18.74 -12.09 0.10
C ARG B 12 -17.55 -11.17 0.37
N ALA B 13 -16.50 -11.71 0.98
CA ALA B 13 -15.30 -10.90 1.21
C ALA B 13 -14.66 -10.48 -0.11
N LEU B 14 -14.50 -11.42 -1.04
CA LEU B 14 -13.90 -11.09 -2.33
C LEU B 14 -14.75 -10.06 -3.09
N ASP B 15 -16.08 -10.18 -2.98
CA ASP B 15 -16.95 -9.22 -3.64
C ASP B 15 -16.81 -7.84 -3.03
N VAL B 16 -16.63 -7.75 -1.72
CA VAL B 16 -16.36 -6.44 -1.12
C VAL B 16 -15.05 -5.87 -1.66
N LEU B 17 -14.01 -6.69 -1.71
CA LEU B 17 -12.73 -6.23 -2.26
C LEU B 17 -12.91 -5.66 -3.67
N LEU B 18 -13.57 -6.43 -4.54
CA LEU B 18 -13.68 -6.02 -5.94
C LEU B 18 -14.60 -4.82 -6.09
N GLN B 19 -15.68 -4.75 -5.31
CA GLN B 19 -16.56 -3.58 -5.36
C GLN B 19 -15.80 -2.32 -4.99
N GLU B 20 -15.08 -2.35 -3.87
CA GLU B 20 -14.32 -1.18 -3.46
C GLU B 20 -13.30 -0.79 -4.51
N ALA B 21 -12.57 -1.76 -5.07
CA ALA B 21 -11.57 -1.43 -6.08
C ALA B 21 -12.21 -0.92 -7.36
N GLU B 22 -13.41 -1.38 -7.68
CA GLU B 22 -14.08 -0.92 -8.90
C GLU B 22 -14.57 0.50 -8.75
N GLU B 23 -15.13 0.84 -7.58
CA GLU B 23 -15.61 2.21 -7.39
C GLU B 23 -14.45 3.21 -7.37
N LEU B 24 -13.30 2.81 -6.86
CA LEU B 24 -12.11 3.65 -6.84
C LEU B 24 -11.28 3.51 -8.12
N CYS B 25 -11.64 2.59 -9.00
CA CYS B 25 -10.91 2.35 -10.25
C CYS B 25 -9.43 2.17 -9.97
N ILE B 26 -9.12 1.24 -9.06
CA ILE B 26 -7.72 0.94 -8.73
C ILE B 26 -7.08 0.21 -9.90
N GLY B 27 -5.96 0.73 -10.38
CA GLY B 27 -5.28 0.13 -11.52
C GLY B 27 -6.14 0.06 -12.76
N SER B 28 -6.88 1.12 -13.05
CA SER B 28 -7.80 1.13 -14.17
C SER B 28 -7.18 1.67 -15.45
N SER B 29 -5.95 2.19 -15.40
CA SER B 29 -5.33 2.77 -16.57
C SER B 29 -3.81 2.78 -16.37
N VAL B 30 -3.10 2.55 -17.47
CA VAL B 30 -1.64 2.71 -17.47
C VAL B 30 -1.35 4.19 -17.71
N VAL B 31 -0.75 4.84 -16.71
CA VAL B 31 -0.44 6.26 -16.83
C VAL B 31 0.53 6.49 -17.98
N GLU B 32 0.35 7.61 -18.67
CA GLU B 32 1.13 7.95 -19.84
C GLU B 32 1.87 9.24 -19.58
N LEU B 33 3.20 9.20 -19.68
CA LEU B 33 4.02 10.36 -19.39
C LEU B 33 4.85 10.77 -20.60
N ASP B 34 5.04 12.07 -20.76
CA ASP B 34 5.86 12.60 -21.83
C ASP B 34 7.34 12.67 -21.49
N ARG B 35 7.68 12.81 -20.21
CA ARG B 35 9.07 12.94 -19.79
C ARG B 35 9.33 12.10 -18.55
N ILE B 36 10.61 11.86 -18.29
CA ILE B 36 11.04 11.05 -17.15
C ILE B 36 10.74 11.79 -15.86
N PRO B 37 10.06 11.18 -14.89
CA PRO B 37 9.73 11.87 -13.64
C PRO B 37 10.93 11.90 -12.70
N THR B 38 10.81 12.77 -11.70
CA THR B 38 11.79 12.77 -10.61
C THR B 38 11.69 11.46 -9.84
N ALA B 39 12.68 11.21 -8.99
CA ALA B 39 12.61 10.05 -8.12
C ALA B 39 11.47 10.19 -7.12
N LEU B 40 11.25 11.39 -6.60
CA LEU B 40 10.14 11.60 -5.67
C LEU B 40 8.80 11.43 -6.38
N GLU B 41 8.65 12.00 -7.57
CA GLU B 41 7.40 11.83 -8.31
C GLU B 41 7.13 10.36 -8.58
N PHE B 42 8.14 9.61 -9.01
CA PHE B 42 7.94 8.20 -9.29
C PHE B 42 7.57 7.43 -8.03
N CYS B 43 8.24 7.74 -6.91
CA CYS B 43 7.94 7.06 -5.66
C CYS B 43 6.52 7.36 -5.21
N ARG B 44 6.14 8.64 -5.23
CA ARG B 44 4.83 9.05 -4.72
C ARG B 44 3.69 8.54 -5.61
N GLU B 45 3.89 8.59 -6.92
CA GLU B 45 2.79 8.37 -7.84
C GLU B 45 2.67 6.93 -8.33
N PHE B 46 3.78 6.20 -8.39
CA PHE B 46 3.80 4.91 -9.07
C PHE B 46 4.32 3.78 -8.19
N TYR B 47 5.50 3.92 -7.61
CA TYR B 47 5.99 2.88 -6.71
C TYR B 47 5.02 2.67 -5.55
N SER B 48 4.71 3.73 -4.83
CA SER B 48 3.90 3.63 -3.62
C SER B 48 2.46 3.23 -3.91
N LYS B 49 1.97 3.47 -5.11
CA LYS B 49 0.62 3.08 -5.48
C LYS B 49 0.58 1.76 -6.25
N ASN B 50 1.72 1.13 -6.50
CA ASN B 50 1.76 -0.13 -7.23
C ASN B 50 1.10 0.03 -8.60
N GLN B 51 1.48 1.12 -9.28
CA GLN B 51 0.75 1.61 -10.44
C GLN B 51 1.64 1.61 -11.67
N PRO B 52 1.29 0.88 -12.73
CA PRO B 52 2.15 0.85 -13.92
C PRO B 52 2.13 2.18 -14.64
N VAL B 53 3.25 2.48 -15.31
CA VAL B 53 3.34 3.74 -16.04
C VAL B 53 4.23 3.56 -17.25
N VAL B 54 3.86 4.21 -18.36
CA VAL B 54 4.62 4.14 -19.60
C VAL B 54 5.11 5.55 -19.93
N ILE B 55 6.40 5.67 -20.19
CA ILE B 55 7.07 6.94 -20.47
C ILE B 55 7.48 6.90 -21.93
N ARG B 56 6.89 7.77 -22.73
CA ARG B 56 7.06 7.73 -24.17
C ARG B 56 8.34 8.44 -24.59
N LYS B 57 9.04 7.84 -25.54
CA LYS B 57 10.24 8.42 -26.14
C LYS B 57 11.15 9.01 -25.07
N ALA B 58 11.42 8.21 -24.05
CA ALA B 58 12.18 8.67 -22.90
C ALA B 58 13.67 8.43 -23.03
N LEU B 59 14.10 7.53 -23.89
CA LEU B 59 15.50 7.15 -24.00
C LEU B 59 16.03 7.50 -25.38
N ASN B 60 17.24 8.07 -25.40
CA ASN B 60 17.97 8.34 -26.62
C ASN B 60 19.31 7.61 -26.55
N TRP B 61 19.24 6.32 -26.20
CA TRP B 61 20.41 5.47 -26.13
C TRP B 61 20.94 5.20 -27.54
N PRO B 62 22.26 5.07 -27.69
CA PRO B 62 22.80 4.71 -29.01
C PRO B 62 22.17 3.45 -29.56
N ALA B 63 21.93 2.47 -28.69
CA ALA B 63 21.40 1.18 -29.14
C ALA B 63 20.16 1.36 -30.00
N ILE B 64 19.24 2.23 -29.59
CA ILE B 64 17.96 2.36 -30.27
C ILE B 64 18.17 2.64 -31.75
N GLY B 65 19.30 3.22 -32.11
CA GLY B 65 19.61 3.40 -33.51
C GLY B 65 20.38 2.23 -34.06
N LYS B 66 21.42 1.80 -33.34
CA LYS B 66 22.36 0.86 -33.90
C LYS B 66 21.81 -0.57 -33.89
N TRP B 67 21.27 -1.01 -32.75
CA TRP B 67 21.05 -2.43 -32.53
C TRP B 67 20.11 -3.02 -33.57
N THR B 68 20.59 -4.06 -34.25
CA THR B 68 19.82 -4.88 -35.17
C THR B 68 20.41 -6.28 -35.11
N PRO B 69 19.74 -7.28 -35.69
CA PRO B 69 20.41 -8.59 -35.81
C PRO B 69 21.72 -8.46 -36.56
N LYS B 70 21.70 -7.66 -37.63
CA LYS B 70 22.89 -7.53 -38.45
C LYS B 70 24.01 -6.91 -37.60
N TYR B 71 23.74 -5.84 -36.85
CA TYR B 71 24.81 -5.15 -36.10
C TYR B 71 25.30 -6.00 -34.93
N LEU B 72 24.39 -6.64 -34.20
CA LEU B 72 24.77 -7.49 -33.08
C LEU B 72 25.69 -8.62 -33.52
N ILE B 73 25.43 -9.19 -34.71
CA ILE B 73 26.36 -10.15 -35.29
C ILE B 73 27.77 -9.58 -35.26
N GLU B 74 27.96 -8.43 -35.92
CA GLU B 74 29.31 -7.91 -36.05
C GLU B 74 29.86 -7.48 -34.68
N ALA B 75 29.00 -7.11 -33.72
CA ALA B 75 29.49 -6.56 -32.44
C ALA B 75 30.10 -7.66 -31.55
N LEU B 76 29.30 -8.70 -31.25
CA LEU B 76 29.75 -9.82 -30.41
C LEU B 76 30.54 -10.90 -31.16
N GLY B 77 30.42 -10.92 -32.48
CA GLY B 77 31.25 -11.73 -33.36
C GLY B 77 30.80 -13.16 -33.56
N ASP B 78 29.50 -13.35 -33.79
CA ASP B 78 28.92 -14.65 -34.08
C ASP B 78 29.06 -15.58 -32.89
N ARG B 79 29.01 -15.02 -31.68
CA ARG B 79 29.16 -15.82 -30.49
C ARG B 79 28.01 -16.83 -30.37
N SER B 80 28.22 -17.83 -29.51
CA SER B 80 27.15 -18.77 -29.14
C SER B 80 26.30 -18.18 -28.03
N VAL B 81 24.99 -18.21 -28.21
CA VAL B 81 24.07 -17.60 -27.25
C VAL B 81 23.05 -18.63 -26.79
N ASP B 82 22.50 -18.33 -25.61
CA ASP B 82 21.49 -19.14 -24.93
C ASP B 82 20.15 -18.90 -25.60
N VAL B 83 19.67 -19.86 -26.38
CA VAL B 83 18.42 -19.70 -27.09
C VAL B 83 17.37 -20.66 -26.53
N ALA B 84 16.14 -20.15 -26.41
CA ALA B 84 15.00 -20.95 -26.00
C ALA B 84 14.17 -21.29 -27.23
N ILE B 85 13.73 -22.54 -27.32
CA ILE B 85 13.00 -23.02 -28.49
C ILE B 85 11.76 -23.77 -28.03
N THR B 86 10.67 -23.56 -28.78
CA THR B 86 9.38 -24.18 -28.55
C THR B 86 8.81 -24.58 -29.90
N PRO B 87 7.86 -25.52 -29.94
CA PRO B 87 7.17 -25.80 -31.21
C PRO B 87 6.01 -24.83 -31.46
N ASN B 88 5.30 -24.45 -30.39
CA ASN B 88 4.11 -23.63 -30.52
C ASN B 88 4.35 -22.15 -30.25
N GLY B 89 5.50 -21.78 -29.70
CA GLY B 89 5.75 -20.40 -29.35
C GLY B 89 5.20 -20.01 -27.99
N TYR B 90 5.07 -20.98 -27.08
CA TYR B 90 4.56 -20.74 -25.74
C TYR B 90 5.55 -21.34 -24.73
N ALA B 91 6.72 -20.70 -24.61
CA ALA B 91 7.63 -21.02 -23.52
C ALA B 91 7.00 -20.60 -22.20
N ASP B 92 7.15 -21.44 -21.17
CA ASP B 92 6.47 -21.21 -19.90
C ASP B 92 4.98 -20.99 -20.14
N GLY B 93 4.36 -21.98 -20.80
CA GLY B 93 2.96 -21.91 -21.17
C GLY B 93 2.40 -23.31 -21.26
N LEU B 94 1.08 -23.39 -21.50
CA LEU B 94 0.33 -24.65 -21.46
C LEU B 94 0.27 -25.30 -22.83
N ALA B 95 0.31 -26.63 -22.83
CA ALA B 95 0.41 -27.42 -24.06
C ALA B 95 -0.18 -28.79 -23.78
N THR B 96 -0.94 -29.33 -24.74
CA THR B 96 -1.63 -30.59 -24.55
C THR B 96 -0.84 -31.73 -25.17
N GLN B 97 -0.88 -32.89 -24.51
CA GLN B 97 -0.21 -34.08 -25.04
C GLN B 97 -0.77 -35.30 -24.32
N ASN B 98 -1.20 -36.29 -25.11
CA ASN B 98 -1.75 -37.53 -24.58
C ASN B 98 -3.01 -37.25 -23.75
N GLY B 99 -3.83 -36.32 -24.23
CA GLY B 99 -5.08 -36.03 -23.57
C GLY B 99 -4.95 -35.31 -22.24
N GLN B 100 -3.81 -34.68 -21.99
CA GLN B 100 -3.57 -34.01 -20.72
C GLN B 100 -2.81 -32.71 -20.95
N GLU B 101 -3.23 -31.67 -20.22
CA GLU B 101 -2.64 -30.35 -20.34
C GLU B 101 -1.45 -30.22 -19.39
N TYR B 102 -0.33 -29.76 -19.94
CA TYR B 102 0.93 -29.60 -19.23
C TYR B 102 1.33 -28.14 -19.22
N PHE B 103 2.12 -27.74 -18.21
CA PHE B 103 2.87 -26.50 -18.23
C PHE B 103 4.29 -26.83 -18.67
N VAL B 104 4.76 -26.24 -19.76
CA VAL B 104 5.98 -26.71 -20.41
C VAL B 104 7.02 -25.61 -20.41
N LEU B 105 8.20 -25.92 -19.88
CA LEU B 105 9.37 -25.07 -20.01
C LEU B 105 9.95 -25.22 -21.42
N PRO B 106 10.80 -24.27 -21.84
CA PRO B 106 11.33 -24.33 -23.20
C PRO B 106 12.55 -25.24 -23.31
N LEU B 107 12.76 -25.73 -24.53
CA LEU B 107 13.99 -26.47 -24.87
C LEU B 107 15.11 -25.45 -24.98
N GLU B 108 16.00 -25.44 -23.98
CA GLU B 108 17.06 -24.44 -23.90
C GLU B 108 18.34 -25.03 -24.45
N THR B 109 19.00 -24.30 -25.34
CA THR B 109 20.22 -24.78 -25.98
C THR B 109 21.15 -23.59 -26.20
N LYS B 110 22.30 -23.86 -26.80
CA LYS B 110 23.31 -22.83 -27.04
C LYS B 110 23.75 -22.94 -28.50
N MET B 111 23.34 -21.99 -29.33
CA MET B 111 23.71 -21.98 -30.74
C MET B 111 24.28 -20.62 -31.07
N LYS B 112 25.15 -20.54 -32.10
CA LYS B 112 25.85 -19.30 -32.49
C LYS B 112 24.88 -18.34 -33.21
N LEU B 113 25.03 -17.05 -32.91
CA LEU B 113 23.95 -16.08 -33.13
C LEU B 113 23.61 -15.84 -34.59
N SER B 114 24.44 -16.26 -35.54
CA SER B 114 24.12 -16.05 -36.94
C SER B 114 23.00 -16.99 -37.39
N GLU B 115 22.96 -18.21 -36.83
CA GLU B 115 21.92 -19.17 -37.18
C GLU B 115 20.59 -18.80 -36.55
N VAL B 116 20.63 -18.14 -35.40
CA VAL B 116 19.40 -17.64 -34.79
C VAL B 116 18.65 -16.74 -35.76
N VAL B 117 19.34 -15.82 -36.40
CA VAL B 117 18.67 -14.85 -37.26
C VAL B 117 18.08 -15.54 -38.49
N ARG B 118 18.78 -16.54 -39.04
CA ARG B 118 18.27 -17.34 -40.16
C ARG B 118 16.99 -18.05 -39.82
N ARG B 119 16.96 -18.64 -38.64
CA ARG B 119 15.77 -19.37 -38.28
C ARG B 119 14.65 -18.44 -37.85
N LEU B 120 14.93 -17.16 -37.59
CA LEU B 120 13.81 -16.29 -37.14
C LEU B 120 12.80 -16.00 -38.26
N ASP B 121 13.26 -15.88 -39.49
CA ASP B 121 12.43 -15.57 -40.65
C ASP B 121 12.06 -16.79 -41.48
N ASP B 122 12.27 -17.98 -40.93
CA ASP B 122 11.71 -19.22 -41.43
C ASP B 122 10.43 -19.45 -40.63
N PRO B 123 9.25 -19.12 -41.17
CA PRO B 123 8.00 -19.45 -40.48
C PRO B 123 7.73 -20.94 -40.46
N THR B 124 8.59 -21.74 -41.11
CA THR B 124 8.31 -23.16 -41.16
C THR B 124 8.80 -23.84 -39.90
N GLY B 125 9.85 -23.32 -39.25
CA GLY B 125 10.50 -24.03 -38.16
C GLY B 125 9.92 -23.74 -36.79
N ALA B 126 10.68 -24.14 -35.79
CA ALA B 126 10.27 -23.90 -34.41
C ALA B 126 10.37 -22.42 -34.09
N VAL B 127 9.76 -22.05 -32.96
CA VAL B 127 9.79 -20.69 -32.46
C VAL B 127 11.01 -20.53 -31.55
N HIS B 128 11.83 -19.53 -31.85
CA HIS B 128 13.07 -19.28 -31.11
C HIS B 128 13.01 -17.91 -30.45
N TYR B 129 13.76 -17.76 -29.36
CA TYR B 129 14.02 -16.42 -28.83
C TYR B 129 15.21 -16.48 -27.87
N ILE B 130 15.99 -15.41 -27.86
CA ILE B 130 17.14 -15.27 -26.98
C ILE B 130 16.71 -14.49 -25.73
N GLN B 131 17.14 -15.00 -24.57
CA GLN B 131 16.85 -14.46 -23.25
C GLN B 131 18.15 -14.61 -22.44
N LYS B 132 18.87 -13.51 -22.25
CA LYS B 132 20.16 -13.53 -21.58
C LYS B 132 20.08 -12.66 -20.32
N GLN B 133 20.84 -13.03 -19.29
CA GLN B 133 20.86 -12.29 -18.03
C GLN B 133 22.18 -11.60 -17.78
N ASN B 134 22.95 -11.32 -18.83
CA ASN B 134 24.21 -10.59 -18.67
C ASN B 134 23.93 -9.14 -18.33
N SER B 135 24.76 -8.58 -17.44
CA SER B 135 24.65 -7.18 -17.07
C SER B 135 25.66 -6.32 -17.82
N ALA B 145 26.80 -2.97 -23.57
CA ALA B 145 26.76 -2.27 -22.28
C ALA B 145 26.97 -0.77 -22.48
N ALA B 146 28.05 -0.43 -23.20
CA ALA B 146 28.36 0.96 -23.48
C ALA B 146 27.41 1.60 -24.50
N ASP B 147 26.47 0.83 -25.04
CA ASP B 147 25.43 1.36 -25.91
C ASP B 147 24.16 1.72 -25.13
N LEU B 148 24.25 1.75 -23.80
CA LEU B 148 23.11 2.03 -22.94
C LEU B 148 23.50 3.07 -21.90
N ARG B 149 22.58 3.97 -21.58
CA ARG B 149 22.77 4.96 -20.51
C ARG B 149 21.84 4.55 -19.37
N VAL B 150 22.28 3.58 -18.58
CA VAL B 150 21.44 3.01 -17.53
C VAL B 150 21.09 4.06 -16.48
N SER B 151 21.91 5.09 -16.34
CA SER B 151 21.64 6.12 -15.34
C SER B 151 20.30 6.81 -15.58
N ASP B 152 19.77 6.72 -16.81
CA ASP B 152 18.46 7.29 -17.09
C ASP B 152 17.37 6.65 -16.25
N LEU B 153 17.64 5.52 -15.62
CA LEU B 153 16.66 4.85 -14.78
C LEU B 153 16.87 5.15 -13.29
N ASP B 154 17.80 6.03 -12.95
CA ASP B 154 18.04 6.36 -11.56
C ASP B 154 16.74 6.70 -10.84
N PHE B 155 15.83 7.42 -11.51
CA PHE B 155 14.59 7.83 -10.88
C PHE B 155 13.88 6.64 -10.24
N ALA B 156 13.85 5.49 -10.93
CA ALA B 156 13.22 4.32 -10.36
C ALA B 156 14.13 3.66 -9.34
N GLN B 157 15.43 3.57 -9.65
CA GLN B 157 16.37 2.95 -8.73
C GLN B 157 16.30 3.64 -7.36
N GLN B 158 16.30 4.97 -7.36
CA GLN B 158 16.26 5.70 -6.09
C GLN B 158 15.02 5.35 -5.29
N SER B 159 13.91 5.03 -5.95
CA SER B 159 12.73 4.61 -5.22
C SER B 159 12.85 3.17 -4.76
N PHE B 160 13.53 2.33 -5.52
CA PHE B 160 13.81 0.95 -5.08
C PHE B 160 15.01 0.90 -4.14
N ASN B 161 15.88 1.91 -4.17
CA ASN B 161 16.99 2.03 -3.24
C ASN B 161 17.91 0.81 -3.29
N LYS B 162 18.18 0.32 -4.50
CA LYS B 162 19.16 -0.73 -4.69
C LYS B 162 19.37 -0.94 -6.19
N PRO B 163 20.56 -1.37 -6.62
CA PRO B 163 20.81 -1.59 -8.05
C PRO B 163 19.96 -2.72 -8.59
N PRO B 164 19.87 -2.86 -9.91
CA PRO B 164 19.11 -3.99 -10.48
C PRO B 164 19.65 -5.32 -10.00
N ASP B 165 18.73 -6.24 -9.68
CA ASP B 165 19.10 -7.62 -9.41
C ASP B 165 19.41 -8.39 -10.69
N ALA B 166 18.96 -7.88 -11.84
CA ALA B 166 19.21 -8.55 -13.11
C ALA B 166 18.90 -7.59 -14.25
N VAL B 167 19.66 -7.75 -15.33
CA VAL B 167 19.42 -7.04 -16.59
C VAL B 167 19.33 -8.10 -17.67
N ASN B 168 18.17 -8.23 -18.30
CA ASN B 168 17.94 -9.27 -19.29
C ASN B 168 17.72 -8.69 -20.69
N PHE B 169 18.38 -9.32 -21.65
CA PHE B 169 18.31 -9.02 -23.07
C PHE B 169 17.37 -10.02 -23.73
N TRP B 170 16.50 -9.50 -24.61
CA TRP B 170 15.49 -10.31 -25.30
C TRP B 170 15.47 -9.98 -26.78
N LEU B 171 15.49 -11.02 -27.61
CA LEU B 171 15.34 -10.86 -29.06
C LEU B 171 14.65 -12.08 -29.62
N GLY B 172 13.52 -11.89 -30.32
CA GLY B 172 12.78 -13.07 -30.71
C GLY B 172 11.73 -12.84 -31.79
N ASP B 173 10.97 -13.91 -32.02
CA ASP B 173 10.00 -14.06 -33.08
C ASP B 173 8.64 -13.46 -32.67
N GLU B 174 7.93 -12.92 -33.66
CA GLU B 174 6.57 -12.48 -33.42
C GLU B 174 5.71 -13.65 -32.95
N ARG B 175 6.07 -14.89 -33.30
CA ARG B 175 5.30 -16.06 -32.86
C ARG B 175 5.48 -16.34 -31.37
N ALA B 176 6.50 -15.78 -30.74
CA ALA B 176 6.79 -16.06 -29.34
C ALA B 176 5.86 -15.24 -28.46
N VAL B 177 5.02 -15.93 -27.70
CA VAL B 177 4.05 -15.29 -26.81
C VAL B 177 4.39 -15.70 -25.39
N THR B 178 4.52 -14.70 -24.51
CA THR B 178 4.71 -14.95 -23.08
C THR B 178 3.35 -14.97 -22.40
N SER B 179 2.93 -16.15 -21.95
CA SER B 179 1.61 -16.30 -21.38
C SER B 179 1.50 -15.58 -20.04
N MET B 180 0.27 -15.35 -19.61
CA MET B 180 0.01 -14.52 -18.44
C MET B 180 0.63 -15.12 -17.19
N HIS B 181 1.23 -14.25 -16.38
CA HIS B 181 1.90 -14.68 -15.17
C HIS B 181 2.26 -13.44 -14.35
N LYS B 182 2.69 -13.68 -13.12
CA LYS B 182 3.10 -12.63 -12.19
C LYS B 182 4.55 -12.83 -11.80
N ASP B 183 5.23 -11.71 -11.54
CA ASP B 183 6.61 -11.74 -11.07
C ASP B 183 6.74 -11.12 -9.69
N PRO B 184 7.66 -11.63 -8.85
CA PRO B 184 7.82 -11.06 -7.51
C PRO B 184 8.88 -9.97 -7.47
N TYR B 185 8.99 -9.18 -8.53
CA TYR B 185 9.99 -8.12 -8.56
C TYR B 185 9.43 -6.93 -9.34
N GLU B 186 10.03 -5.77 -9.11
CA GLU B 186 9.73 -4.57 -9.89
C GLU B 186 10.39 -4.70 -11.26
N ASN B 187 9.65 -4.37 -12.32
CA ASN B 187 10.15 -4.52 -13.68
C ASN B 187 10.18 -3.16 -14.37
N VAL B 188 11.35 -2.78 -14.89
CA VAL B 188 11.47 -1.62 -15.76
C VAL B 188 11.88 -2.14 -17.14
N TYR B 189 10.95 -2.05 -18.09
CA TYR B 189 11.07 -2.61 -19.43
C TYR B 189 11.45 -1.50 -20.40
N CYS B 190 12.56 -1.68 -21.12
CA CYS B 190 13.03 -0.70 -22.10
C CYS B 190 13.10 -1.39 -23.46
N VAL B 191 12.30 -0.92 -24.40
CA VAL B 191 12.26 -1.52 -25.74
C VAL B 191 13.28 -0.80 -26.61
N ILE B 192 14.19 -1.57 -27.21
CA ILE B 192 15.21 -1.01 -28.08
C ILE B 192 14.71 -0.91 -29.52
N SER B 193 14.15 -2.01 -30.04
CA SER B 193 13.74 -2.09 -31.43
C SER B 193 12.37 -2.74 -31.52
N GLY B 194 11.47 -2.10 -32.26
CA GLY B 194 10.14 -2.63 -32.47
C GLY B 194 9.19 -2.22 -31.36
N HIS B 195 8.20 -3.06 -31.05
CA HIS B 195 7.29 -2.77 -29.96
C HIS B 195 6.87 -4.05 -29.26
N LYS B 196 6.41 -3.88 -28.03
CA LYS B 196 5.97 -4.98 -27.17
C LYS B 196 4.56 -4.69 -26.69
N ASP B 197 3.68 -5.66 -26.81
CA ASP B 197 2.27 -5.50 -26.44
C ASP B 197 2.01 -6.20 -25.12
N PHE B 198 1.55 -5.45 -24.12
CA PHE B 198 1.28 -5.97 -22.80
C PHE B 198 -0.21 -5.97 -22.52
N VAL B 199 -0.68 -7.09 -21.95
CA VAL B 199 -1.98 -7.17 -21.28
C VAL B 199 -1.70 -7.33 -19.79
N LEU B 200 -2.21 -6.41 -18.99
CA LEU B 200 -1.87 -6.32 -17.58
C LEU B 200 -3.13 -6.46 -16.73
N ILE B 201 -2.99 -7.10 -15.58
CA ILE B 201 -4.11 -7.24 -14.66
C ILE B 201 -3.64 -6.97 -13.23
N PRO B 202 -4.39 -6.18 -12.45
CA PRO B 202 -3.92 -5.82 -11.10
C PRO B 202 -3.90 -7.03 -10.19
N PRO B 203 -3.02 -7.04 -9.19
CA PRO B 203 -2.98 -8.20 -8.28
C PRO B 203 -4.30 -8.42 -7.53
N HIS B 204 -4.96 -7.34 -7.12
CA HIS B 204 -6.21 -7.48 -6.35
C HIS B 204 -7.32 -8.15 -7.15
N GLN B 205 -7.16 -8.29 -8.47
CA GLN B 205 -8.13 -9.02 -9.27
C GLN B 205 -7.78 -10.50 -9.39
N LEU B 206 -6.98 -11.03 -8.47
CA LEU B 206 -6.56 -12.42 -8.55
C LEU B 206 -7.73 -13.37 -8.65
N SER B 207 -8.79 -13.13 -7.86
CA SER B 207 -9.91 -14.03 -7.85
C SER B 207 -10.67 -14.05 -9.17
N CYS B 208 -10.42 -13.09 -10.05
CA CYS B 208 -11.03 -13.08 -11.38
C CYS B 208 -10.20 -13.81 -12.42
N VAL B 209 -8.96 -14.17 -12.09
CA VAL B 209 -8.04 -14.80 -13.03
C VAL B 209 -8.01 -16.29 -12.72
N PRO B 210 -8.59 -17.15 -13.56
CA PRO B 210 -8.62 -18.58 -13.23
C PRO B 210 -7.22 -19.19 -13.31
N ARG B 211 -6.89 -20.00 -12.31
CA ARG B 211 -5.62 -20.69 -12.24
C ARG B 211 -5.86 -22.18 -12.07
N GLY B 212 -4.85 -22.97 -12.44
CA GLY B 212 -4.94 -24.41 -12.29
C GLY B 212 -3.58 -25.00 -11.96
N ILE B 213 -3.62 -26.21 -11.42
CA ILE B 213 -2.41 -26.98 -11.15
C ILE B 213 -2.16 -27.90 -12.32
N TYR B 214 -0.93 -27.88 -12.84
CA TYR B 214 -0.58 -28.61 -14.04
C TYR B 214 0.67 -29.43 -13.81
N PRO B 215 0.78 -30.60 -14.44
CA PRO B 215 2.07 -31.32 -14.42
C PRO B 215 3.08 -30.59 -15.27
N THR B 216 4.26 -30.33 -14.70
CA THR B 216 5.29 -29.62 -15.45
C THR B 216 6.03 -30.60 -16.37
N GLY B 217 6.51 -30.07 -17.48
CA GLY B 217 7.34 -30.83 -18.39
C GLY B 217 8.33 -29.90 -19.07
N VAL B 218 9.18 -30.48 -19.92
CA VAL B 218 10.10 -29.69 -20.72
C VAL B 218 10.04 -30.17 -22.17
N TYR B 219 10.28 -29.25 -23.10
CA TYR B 219 10.31 -29.61 -24.51
C TYR B 219 11.62 -30.30 -24.86
N LYS B 220 11.52 -31.38 -25.64
CA LYS B 220 12.68 -32.14 -26.07
C LYS B 220 12.46 -32.60 -27.50
N THR B 221 13.56 -32.76 -28.23
CA THR B 221 13.51 -33.18 -29.63
C THR B 221 13.95 -34.63 -29.76
N SER B 222 13.45 -35.29 -30.79
CA SER B 222 13.58 -36.72 -30.94
C SER B 222 14.83 -37.06 -31.75
N ASP B 223 14.98 -38.36 -32.03
CA ASP B 223 15.90 -38.80 -33.05
C ASP B 223 15.65 -37.93 -34.30
N SER B 224 14.37 -37.68 -34.62
CA SER B 224 13.96 -37.08 -35.89
C SER B 224 13.79 -35.59 -35.82
N GLY B 225 14.26 -34.98 -34.73
CA GLY B 225 14.05 -33.57 -34.53
C GLY B 225 12.64 -33.21 -34.21
N GLN B 226 11.81 -34.18 -33.85
CA GLN B 226 10.40 -33.92 -33.56
C GLN B 226 10.22 -33.58 -32.09
N PHE B 227 9.38 -32.58 -31.82
CA PHE B 227 9.20 -32.08 -30.46
C PHE B 227 8.24 -32.95 -29.68
N TYR B 228 8.48 -33.03 -28.37
CA TYR B 228 7.57 -33.70 -27.45
C TYR B 228 7.81 -33.15 -26.05
N ILE B 229 6.80 -33.27 -25.22
CA ILE B 229 6.90 -32.86 -23.83
C ILE B 229 7.39 -34.06 -23.02
N GLU B 230 8.53 -33.89 -22.35
CA GLU B 230 9.01 -34.88 -21.41
C GLU B 230 8.51 -34.50 -20.02
N PRO B 231 7.66 -35.32 -19.39
CA PRO B 231 7.23 -35.00 -18.01
C PRO B 231 8.40 -34.99 -17.05
N LEU B 232 8.53 -33.88 -16.34
CA LEU B 232 9.67 -33.65 -15.45
C LEU B 232 9.37 -34.18 -14.07
N ARG B 233 10.39 -34.76 -13.42
CA ARG B 233 10.18 -35.23 -12.05
C ARG B 233 11.42 -35.06 -11.17
N ASP B 234 11.14 -35.16 -9.87
CA ASP B 234 12.11 -34.99 -8.80
C ASP B 234 12.87 -36.27 -8.48
N GLY B 237 9.92 -41.15 -10.10
CA GLY B 237 9.06 -40.79 -8.99
C GLY B 237 7.84 -40.00 -9.40
N SER B 238 7.10 -39.50 -8.41
CA SER B 238 5.98 -38.62 -8.68
C SER B 238 6.48 -37.29 -9.23
N ASP B 239 5.91 -36.87 -10.38
CA ASP B 239 6.47 -35.75 -11.14
C ASP B 239 5.88 -34.41 -10.70
N GLN B 240 6.63 -33.36 -10.96
CA GLN B 240 6.39 -32.05 -10.35
C GLN B 240 5.17 -31.36 -10.97
N PHE B 241 4.62 -30.41 -10.22
CA PHE B 241 3.44 -29.66 -10.62
C PHE B 241 3.72 -28.17 -10.46
N THR B 242 2.90 -27.37 -11.14
CA THR B 242 3.05 -25.93 -11.20
C THR B 242 1.67 -25.28 -11.24
N GLU B 243 1.46 -24.25 -10.42
CA GLU B 243 0.27 -23.43 -10.51
C GLU B 243 0.45 -22.42 -11.65
N TRP B 244 -0.52 -22.35 -12.55
CA TRP B 244 -0.40 -21.46 -13.70
C TRP B 244 -1.77 -20.90 -14.08
N VAL B 245 -1.76 -19.69 -14.64
CA VAL B 245 -2.99 -19.07 -15.11
C VAL B 245 -3.55 -19.86 -16.28
N SER B 246 -4.87 -20.09 -16.27
CA SER B 246 -5.49 -20.96 -17.24
C SER B 246 -6.14 -20.22 -18.41
N VAL B 247 -6.36 -18.93 -18.29
CA VAL B 247 -7.09 -18.19 -19.32
C VAL B 247 -6.11 -17.60 -20.32
N ASP B 248 -6.59 -17.44 -21.55
CA ASP B 248 -5.86 -16.77 -22.62
C ASP B 248 -6.46 -15.39 -22.82
N PRO B 249 -5.77 -14.31 -22.43
CA PRO B 249 -6.42 -12.99 -22.39
C PRO B 249 -6.85 -12.49 -23.76
N LEU B 250 -6.26 -13.00 -24.84
CA LEU B 250 -6.61 -12.49 -26.17
C LEU B 250 -7.88 -13.11 -26.72
N SER B 251 -8.21 -14.34 -26.30
CA SER B 251 -9.46 -15.00 -26.70
C SER B 251 -9.99 -15.75 -25.49
N PRO B 252 -10.47 -15.03 -24.47
CA PRO B 252 -10.88 -15.72 -23.24
C PRO B 252 -12.17 -16.48 -23.42
N ASP B 253 -12.28 -17.62 -22.72
CA ASP B 253 -13.51 -18.43 -22.71
C ASP B 253 -14.33 -18.02 -21.49
N LEU B 254 -15.25 -17.09 -21.71
CA LEU B 254 -16.03 -16.55 -20.59
C LEU B 254 -17.10 -17.51 -20.10
N ALA B 255 -17.44 -18.54 -20.89
CA ALA B 255 -18.35 -19.57 -20.40
C ALA B 255 -17.63 -20.54 -19.49
N LYS B 256 -16.40 -20.92 -19.86
CA LYS B 256 -15.58 -21.79 -19.01
C LYS B 256 -15.05 -21.04 -17.80
N TYR B 257 -14.80 -19.75 -17.93
CA TYR B 257 -14.24 -18.93 -16.84
C TYR B 257 -15.05 -17.65 -16.72
N PRO B 258 -16.26 -17.72 -16.17
CA PRO B 258 -17.08 -16.49 -16.05
C PRO B 258 -16.54 -15.47 -15.06
N GLU B 259 -15.77 -15.91 -14.05
CA GLU B 259 -15.16 -14.95 -13.13
C GLU B 259 -14.29 -13.96 -13.89
N TYR B 260 -13.66 -14.40 -14.98
CA TYR B 260 -12.80 -13.51 -15.75
C TYR B 260 -13.57 -12.37 -16.38
N ALA B 261 -14.90 -12.50 -16.50
CA ALA B 261 -15.69 -11.37 -16.98
C ALA B 261 -15.53 -10.15 -16.09
N ARG B 262 -15.17 -10.35 -14.81
CA ARG B 262 -15.06 -9.23 -13.90
C ARG B 262 -13.67 -8.59 -13.88
N ALA B 263 -12.64 -9.31 -14.32
CA ALA B 263 -11.35 -8.68 -14.53
C ALA B 263 -11.47 -7.52 -15.50
N LYS B 264 -10.51 -6.59 -15.42
CA LYS B 264 -10.47 -5.42 -16.29
C LYS B 264 -9.03 -5.28 -16.80
N PRO B 265 -8.66 -6.06 -17.81
CA PRO B 265 -7.27 -6.01 -18.28
C PRO B 265 -6.96 -4.68 -18.96
N LEU B 266 -5.73 -4.24 -18.78
CA LEU B 266 -5.21 -3.05 -19.46
C LEU B 266 -4.31 -3.47 -20.61
N LYS B 267 -4.35 -2.70 -21.70
CA LYS B 267 -3.53 -2.99 -22.88
C LYS B 267 -2.59 -1.81 -23.12
N VAL B 268 -1.31 -2.10 -23.33
CA VAL B 268 -0.36 -1.03 -23.60
C VAL B 268 0.72 -1.53 -24.56
N ARG B 269 0.98 -0.74 -25.60
CA ARG B 269 2.04 -1.00 -26.56
C ARG B 269 3.23 -0.11 -26.21
N VAL B 270 4.40 -0.72 -26.11
CA VAL B 270 5.63 -0.04 -25.70
C VAL B 270 6.56 -0.06 -26.90
N HIS B 271 6.94 1.13 -27.37
CA HIS B 271 7.74 1.25 -28.58
C HIS B 271 9.22 1.47 -28.24
N ALA B 272 10.04 1.45 -29.28
CA ALA B 272 11.45 1.75 -29.12
C ALA B 272 11.62 3.13 -28.49
N GLY B 273 12.44 3.19 -27.44
CA GLY B 273 12.65 4.41 -26.71
C GLY B 273 11.73 4.61 -25.53
N ASP B 274 10.66 3.82 -25.42
CA ASP B 274 9.73 3.94 -24.32
C ASP B 274 10.20 3.13 -23.12
N ILE B 275 9.69 3.51 -21.95
CA ILE B 275 9.95 2.78 -20.70
C ILE B 275 8.61 2.36 -20.14
N LEU B 276 8.51 1.12 -19.67
CA LEU B 276 7.32 0.66 -18.96
C LEU B 276 7.72 0.25 -17.56
N TYR B 277 7.04 0.80 -16.55
CA TYR B 277 7.16 0.32 -15.18
C TYR B 277 5.99 -0.62 -14.92
N LEU B 278 6.32 -1.91 -14.76
CA LEU B 278 5.43 -3.01 -14.40
C LEU B 278 5.63 -3.31 -12.92
N PRO B 279 4.72 -2.89 -12.05
CA PRO B 279 4.92 -3.10 -10.61
C PRO B 279 4.86 -4.57 -10.23
N ASN B 280 5.48 -4.89 -9.10
CA ASN B 280 5.54 -6.27 -8.63
C ASN B 280 4.14 -6.87 -8.54
N TYR B 281 4.07 -8.15 -8.89
CA TYR B 281 2.89 -9.01 -8.75
C TYR B 281 1.75 -8.65 -9.69
N TRP B 282 1.96 -7.75 -10.65
CA TRP B 282 0.97 -7.50 -11.68
C TRP B 282 0.99 -8.63 -12.70
N PHE B 283 -0.18 -9.16 -13.03
CA PHE B 283 -0.28 -10.17 -14.09
C PHE B 283 0.06 -9.53 -15.44
N HIS B 284 0.80 -10.25 -16.28
CA HIS B 284 1.11 -9.70 -17.60
C HIS B 284 1.32 -10.80 -18.65
N HIS B 285 0.70 -10.57 -19.81
CA HIS B 285 0.79 -11.38 -21.02
C HIS B 285 1.47 -10.52 -22.07
N VAL B 286 2.57 -11.00 -22.64
CA VAL B 286 3.42 -10.17 -23.49
C VAL B 286 3.47 -10.76 -24.90
N SER B 287 3.37 -9.89 -25.90
CA SER B 287 3.57 -10.19 -27.31
C SER B 287 4.55 -9.17 -27.87
N GLN B 288 4.97 -9.34 -29.12
CA GLN B 288 5.84 -8.34 -29.70
C GLN B 288 5.96 -8.51 -31.21
N SER B 289 6.41 -7.43 -31.86
CA SER B 289 6.74 -7.46 -33.27
C SER B 289 7.87 -8.43 -33.52
N HIS B 290 8.04 -8.82 -34.78
CA HIS B 290 9.06 -9.78 -35.13
C HIS B 290 10.45 -9.14 -35.07
N LYS B 291 11.39 -9.88 -34.48
CA LYS B 291 12.75 -9.39 -34.27
C LYS B 291 12.78 -8.18 -33.36
N CYS B 292 11.82 -8.08 -32.46
CA CYS B 292 11.84 -7.05 -31.43
C CYS B 292 13.01 -7.28 -30.49
N ILE B 293 13.69 -6.21 -30.12
CA ILE B 293 14.79 -6.26 -29.16
C ILE B 293 14.40 -5.44 -27.94
N ALA B 294 14.68 -5.98 -26.76
CA ALA B 294 14.37 -5.25 -25.54
C ALA B 294 15.35 -5.65 -24.44
N VAL B 295 15.48 -4.76 -23.46
CA VAL B 295 16.20 -5.04 -22.23
C VAL B 295 15.26 -4.72 -21.09
N ASN B 296 15.51 -5.32 -19.94
CA ASN B 296 14.73 -4.91 -18.78
C ASN B 296 15.49 -5.19 -17.50
N PHE B 297 15.12 -4.44 -16.48
CA PHE B 297 15.80 -4.41 -15.19
C PHE B 297 14.84 -4.90 -14.12
N TRP B 298 15.28 -5.93 -13.41
CA TRP B 298 14.53 -6.50 -12.30
C TRP B 298 15.07 -5.96 -10.99
N TYR B 299 14.17 -5.64 -10.06
CA TYR B 299 14.57 -5.27 -8.70
C TYR B 299 13.79 -6.11 -7.70
N ASP B 300 14.48 -6.71 -6.73
CA ASP B 300 13.79 -7.53 -5.73
C ASP B 300 12.95 -6.65 -4.82
N LEU B 301 11.68 -7.02 -4.66
CA LEU B 301 10.71 -6.13 -4.03
C LEU B 301 11.02 -5.90 -2.55
N ASP B 302 10.64 -4.72 -2.08
CA ASP B 302 10.70 -4.36 -0.67
C ASP B 302 9.34 -4.69 -0.05
N TYR B 303 9.32 -5.69 0.82
CA TYR B 303 8.05 -6.24 1.30
C TYR B 303 7.28 -5.21 2.13
N ASP B 304 5.98 -5.16 1.89
CA ASP B 304 5.09 -4.25 2.61
C ASP B 304 3.79 -4.98 2.90
N SER B 305 2.77 -4.22 3.31
CA SER B 305 1.49 -4.83 3.69
C SER B 305 0.76 -5.41 2.50
N ARG B 306 0.95 -4.82 1.32
CA ARG B 306 0.26 -5.32 0.13
C ARG B 306 0.62 -6.77 -0.14
N TYR B 307 1.88 -7.15 0.08
CA TYR B 307 2.28 -8.54 -0.14
C TYR B 307 1.59 -9.48 0.83
N CYS B 308 1.48 -9.07 2.11
CA CYS B 308 0.78 -9.89 3.08
C CYS B 308 -0.70 -10.04 2.71
N TYR B 309 -1.34 -8.96 2.27
CA TYR B 309 -2.71 -9.07 1.79
C TYR B 309 -2.79 -9.99 0.59
N TYR B 310 -1.78 -9.96 -0.28
CA TYR B 310 -1.81 -10.81 -1.46
C TYR B 310 -1.70 -12.28 -1.09
N ARG B 311 -0.85 -12.59 -0.11
CA ARG B 311 -0.78 -13.97 0.38
C ARG B 311 -2.12 -14.40 0.99
N MET B 312 -2.76 -13.49 1.73
CA MET B 312 -4.10 -13.79 2.24
C MET B 312 -5.07 -14.06 1.10
N LEU B 313 -5.06 -13.21 0.09
CA LEU B 313 -5.95 -13.37 -1.07
C LEU B 313 -5.69 -14.69 -1.79
N GLU B 314 -4.41 -15.07 -1.89
CA GLU B 314 -4.07 -16.36 -2.45
C GLU B 314 -4.69 -17.49 -1.63
N GLN B 315 -4.63 -17.37 -0.31
CA GLN B 315 -5.27 -18.37 0.54
C GLN B 315 -6.78 -18.41 0.32
N MET B 316 -7.38 -17.25 0.03
CA MET B 316 -8.83 -17.22 -0.16
C MET B 316 -9.23 -17.83 -1.50
N THR B 317 -8.35 -17.80 -2.49
CA THR B 317 -8.65 -18.35 -3.80
C THR B 317 -7.91 -19.67 -4.04
N SER B 318 -7.70 -20.45 -2.98
CA SER B 318 -7.00 -21.72 -3.10
C SER B 318 -8.00 -22.87 -3.25
#